data_8S4S
#
_entry.id   8S4S
#
_cell.length_a   58.175
_cell.length_b   58.170
_cell.length_c   87.099
_cell.angle_alpha   90.000
_cell.angle_beta   90.000
_cell.angle_gamma   90.000
#
_symmetry.space_group_name_H-M   'P 21 21 21'
#
loop_
_entity.id
_entity.type
_entity.pdbx_description
1 polymer PrgE
2 non-polymer 'SULFATE ION'
3 non-polymer 'POTASSIUM ION'
4 water water
#
_entity_poly.entity_id   1
_entity_poly.type   'polypeptide(L)'
_entity_poly.pdbx_seq_one_letter_code
;MSKYERPLKRESQIKEFELGTHAAVIEKVQKKRSQKGNDMFLLSLLGKSNEKGVYFLTFGNDYTEDNLRYILASIQDNGV
EIPDVDFGYNRETFEFLKGKDVYIQVEEQEYKGKVKHAVTNFLTQDEFEESEEMEFSESNTEEDW
;
_entity_poly.pdbx_strand_id   A,B
#
# COMPACT_ATOMS: atom_id res chain seq x y z
N SER A 2 -17.28 41.43 4.37
CA SER A 2 -16.97 41.06 2.97
C SER A 2 -18.24 40.62 2.26
N LYS A 3 -18.40 41.09 1.02
CA LYS A 3 -19.49 40.63 0.16
C LYS A 3 -19.31 39.13 -0.07
N TYR A 4 -20.41 38.38 0.07
CA TYR A 4 -20.36 36.93 -0.13
C TYR A 4 -19.98 36.62 -1.58
N GLU A 5 -19.26 35.51 -1.76
CA GLU A 5 -18.83 35.06 -3.07
C GLU A 5 -18.68 33.55 -3.04
N ARG A 6 -19.49 32.85 -3.86
CA ARG A 6 -19.54 31.41 -3.86
C ARG A 6 -18.12 30.84 -3.88
N PRO A 7 -17.66 30.12 -2.83
CA PRO A 7 -16.28 29.65 -2.75
C PRO A 7 -16.02 28.47 -3.68
N LEU A 8 -14.77 28.36 -4.13
CA LEU A 8 -14.36 27.30 -5.04
C LEU A 8 -14.43 25.96 -4.33
N LYS A 9 -14.74 24.89 -5.09
CA LYS A 9 -14.95 23.57 -4.51
C LYS A 9 -13.65 23.06 -3.90
N ARG A 10 -13.75 22.55 -2.66
CA ARG A 10 -12.61 22.05 -1.91
C ARG A 10 -12.28 20.64 -2.39
N GLU A 11 -11.02 20.23 -2.16
CA GLU A 11 -10.53 18.90 -2.48
C GLU A 11 -11.07 18.44 -3.83
N SER A 12 -10.74 19.23 -4.88
CA SER A 12 -11.09 18.90 -6.24
C SER A 12 -10.00 18.02 -6.86
N GLN A 13 -8.83 17.96 -6.20
CA GLN A 13 -7.66 17.31 -6.75
C GLN A 13 -7.26 16.09 -5.92
N ILE A 14 -8.24 15.45 -5.25
CA ILE A 14 -8.02 14.15 -4.64
C ILE A 14 -7.86 13.14 -5.77
N LYS A 15 -6.85 12.27 -5.66
CA LYS A 15 -6.53 11.31 -6.71
C LYS A 15 -7.59 10.21 -6.67
N GLU A 16 -8.35 10.07 -7.77
CA GLU A 16 -9.23 8.93 -7.93
C GLU A 16 -8.67 8.05 -9.04
N PHE A 17 -9.10 6.78 -9.06
CA PHE A 17 -8.67 5.84 -10.08
C PHE A 17 -9.28 6.22 -11.43
N GLU A 18 -8.46 6.17 -12.48
CA GLU A 18 -8.95 6.26 -13.85
C GLU A 18 -9.62 4.94 -14.22
N LEU A 19 -10.39 4.95 -15.31
CA LEU A 19 -11.07 3.78 -15.83
C LEU A 19 -10.05 2.70 -16.19
N GLY A 20 -10.48 1.42 -16.09
CA GLY A 20 -9.65 0.29 -16.42
C GLY A 20 -9.15 -0.46 -15.18
N THR A 21 -8.15 -1.33 -15.39
CA THR A 21 -7.64 -2.21 -14.36
C THR A 21 -6.45 -1.54 -13.67
N HIS A 22 -6.26 -1.87 -12.38
CA HIS A 22 -5.18 -1.29 -11.58
C HIS A 22 -4.73 -2.29 -10.52
N ALA A 23 -3.42 -2.33 -10.29
CA ALA A 23 -2.85 -3.01 -9.14
C ALA A 23 -2.95 -2.08 -7.94
N ALA A 24 -3.64 -2.53 -6.88
CA ALA A 24 -3.91 -1.67 -5.74
C ALA A 24 -3.62 -2.42 -4.44
N VAL A 25 -3.75 -1.70 -3.32
CA VAL A 25 -3.63 -2.27 -1.99
C VAL A 25 -4.94 -2.01 -1.26
N ILE A 26 -5.44 -3.03 -0.55
CA ILE A 26 -6.47 -2.79 0.45
C ILE A 26 -5.79 -2.14 1.65
N GLU A 27 -5.75 -0.80 1.64
CA GLU A 27 -5.01 -0.04 2.64
C GLU A 27 -5.68 -0.20 4.00
N LYS A 28 -7.01 -0.08 4.04
CA LYS A 28 -7.76 -0.07 5.29
C LYS A 28 -9.03 -0.92 5.16
N VAL A 29 -9.53 -1.40 6.31
CA VAL A 29 -10.80 -2.09 6.39
C VAL A 29 -11.54 -1.57 7.63
N GLN A 30 -12.82 -1.24 7.46
CA GLN A 30 -13.62 -0.72 8.55
C GLN A 30 -14.94 -1.50 8.65
N LYS A 31 -15.46 -1.60 9.88
CA LYS A 31 -16.74 -2.22 10.14
C LYS A 31 -17.81 -1.14 10.00
N LYS A 32 -18.97 -1.53 9.45
CA LYS A 32 -20.05 -0.61 9.15
C LYS A 32 -21.39 -1.32 9.29
N ARG A 33 -22.48 -0.59 9.06
CA ARG A 33 -23.82 -1.15 9.01
C ARG A 33 -24.66 -0.33 8.02
N SER A 34 -25.38 -1.03 7.13
CA SER A 34 -26.27 -0.39 6.19
C SER A 34 -27.54 0.08 6.91
N GLY A 37 -28.94 -2.31 8.71
CA GLY A 37 -29.47 -3.68 8.79
C GLY A 37 -28.45 -4.74 8.37
N ASN A 38 -27.79 -4.49 7.23
CA ASN A 38 -26.77 -5.40 6.70
C ASN A 38 -25.42 -5.09 7.33
N ASP A 39 -24.68 -6.15 7.69
CA ASP A 39 -23.32 -6.02 8.15
C ASP A 39 -22.41 -5.85 6.93
N MET A 40 -21.36 -5.02 7.10
CA MET A 40 -20.55 -4.58 5.98
C MET A 40 -19.09 -4.42 6.41
N PHE A 41 -18.18 -4.71 5.48
CA PHE A 41 -16.80 -4.26 5.57
C PHE A 41 -16.57 -3.21 4.50
N LEU A 42 -16.11 -2.01 4.91
CA LEU A 42 -15.69 -0.99 3.98
C LEU A 42 -14.21 -1.18 3.67
N LEU A 43 -13.90 -1.44 2.39
CA LEU A 43 -12.53 -1.64 1.94
C LEU A 43 -12.05 -0.35 1.28
N SER A 44 -11.02 0.28 1.87
CA SER A 44 -10.36 1.42 1.27
C SER A 44 -9.25 0.92 0.33
N LEU A 45 -9.24 1.40 -0.91
CA LEU A 45 -8.28 0.94 -1.90
C LEU A 45 -7.33 2.08 -2.25
N LEU A 46 -6.02 1.76 -2.34
CA LEU A 46 -4.98 2.72 -2.63
C LEU A 46 -4.22 2.29 -3.89
N GLY A 47 -4.07 3.23 -4.83
CA GLY A 47 -3.44 2.95 -6.11
C GLY A 47 -1.93 3.19 -6.08
N LYS A 48 -1.26 2.88 -7.20
CA LYS A 48 0.18 3.01 -7.32
C LYS A 48 0.60 4.49 -7.36
N SER A 49 -0.35 5.38 -7.69
CA SER A 49 -0.13 6.82 -7.63
C SER A 49 -1.04 7.45 -6.58
N ASN A 50 -1.25 6.74 -5.47
CA ASN A 50 -2.04 7.20 -4.33
C ASN A 50 -3.49 7.49 -4.73
N GLU A 51 -4.02 6.80 -5.75
CA GLU A 51 -5.43 6.93 -6.08
C GLU A 51 -6.25 6.33 -4.95
N LYS A 52 -7.45 6.89 -4.74
CA LYS A 52 -8.34 6.46 -3.68
C LYS A 52 -9.64 5.91 -4.28
N GLY A 53 -10.02 4.73 -3.80
CA GLY A 53 -11.31 4.13 -4.10
C GLY A 53 -11.85 3.37 -2.90
N VAL A 54 -13.12 2.98 -2.96
CA VAL A 54 -13.74 2.22 -1.89
C VAL A 54 -14.57 1.09 -2.49
N TYR A 55 -14.75 0.04 -1.69
CA TYR A 55 -15.58 -1.09 -2.06
C TYR A 55 -16.30 -1.59 -0.80
N PHE A 56 -17.63 -1.69 -0.89
CA PHE A 56 -18.43 -2.19 0.22
C PHE A 56 -18.64 -3.69 0.02
N LEU A 57 -18.11 -4.48 0.97
CA LEU A 57 -18.42 -5.89 1.04
C LEU A 57 -19.60 -6.08 1.97
N THR A 58 -20.75 -6.43 1.39
CA THR A 58 -22.01 -6.56 2.10
C THR A 58 -22.23 -8.04 2.45
N PHE A 59 -22.54 -8.30 3.72
CA PHE A 59 -22.79 -9.64 4.19
C PHE A 59 -24.30 -9.87 4.30
N GLY A 60 -24.71 -11.14 4.34
CA GLY A 60 -26.09 -11.53 4.60
C GLY A 60 -26.82 -12.03 3.35
N ASN A 61 -26.31 -11.68 2.16
CA ASN A 61 -27.03 -11.91 0.93
C ASN A 61 -26.44 -13.12 0.19
N ASP A 62 -26.80 -13.26 -1.09
CA ASP A 62 -26.50 -14.45 -1.88
C ASP A 62 -25.11 -14.35 -2.50
N TYR A 63 -24.69 -13.13 -2.82
CA TYR A 63 -23.43 -12.90 -3.51
C TYR A 63 -22.27 -12.72 -2.52
N THR A 64 -22.56 -12.71 -1.22
CA THR A 64 -21.56 -12.46 -0.19
C THR A 64 -20.39 -13.41 -0.31
N GLU A 65 -20.66 -14.72 -0.35
CA GLU A 65 -19.61 -15.73 -0.36
C GLU A 65 -18.74 -15.55 -1.59
N ASP A 66 -19.38 -15.39 -2.76
CA ASP A 66 -18.66 -15.29 -4.03
C ASP A 66 -17.80 -14.02 -4.05
N ASN A 67 -18.37 -12.90 -3.58
CA ASN A 67 -17.70 -11.61 -3.63
C ASN A 67 -16.41 -11.65 -2.81
N LEU A 68 -16.45 -12.32 -1.66
CA LEU A 68 -15.28 -12.45 -0.80
C LEU A 68 -14.26 -13.39 -1.44
N ARG A 69 -14.74 -14.41 -2.17
CA ARG A 69 -13.86 -15.37 -2.83
C ARG A 69 -12.98 -14.67 -3.86
N TYR A 70 -13.58 -13.81 -4.69
CA TYR A 70 -12.85 -13.09 -5.73
C TYR A 70 -11.77 -12.22 -5.10
N ILE A 71 -12.13 -11.55 -3.99
CA ILE A 71 -11.17 -10.76 -3.22
C ILE A 71 -10.02 -11.67 -2.77
N LEU A 72 -10.36 -12.85 -2.23
CA LEU A 72 -9.35 -13.75 -1.70
C LEU A 72 -8.48 -14.29 -2.84
N ALA A 73 -9.08 -14.55 -4.01
CA ALA A 73 -8.34 -15.05 -5.16
C ALA A 73 -7.39 -13.98 -5.69
N SER A 74 -7.84 -12.71 -5.67
CA SER A 74 -7.01 -11.60 -6.11
C SER A 74 -5.82 -11.41 -5.17
N ILE A 75 -6.06 -11.57 -3.87
CA ILE A 75 -5.01 -11.53 -2.86
C ILE A 75 -4.04 -12.69 -3.11
N GLN A 76 -4.60 -13.87 -3.38
CA GLN A 76 -3.83 -15.08 -3.62
C GLN A 76 -2.88 -14.87 -4.80
N ASP A 77 -3.38 -14.21 -5.85
CA ASP A 77 -2.61 -14.03 -7.08
C ASP A 77 -1.61 -12.88 -6.94
N ASN A 78 -1.68 -12.11 -5.85
CA ASN A 78 -0.68 -11.10 -5.55
C ASN A 78 0.32 -11.67 -4.55
N GLY A 79 0.46 -13.00 -4.52
CA GLY A 79 1.56 -13.66 -3.84
C GLY A 79 1.37 -13.75 -2.34
N VAL A 80 0.15 -14.11 -1.90
CA VAL A 80 -0.15 -14.31 -0.49
C VAL A 80 -0.89 -15.64 -0.33
N GLU A 81 -0.48 -16.43 0.67
CA GLU A 81 -1.11 -17.71 0.93
C GLU A 81 -2.43 -17.46 1.66
N ILE A 82 -3.50 -18.05 1.14
CA ILE A 82 -4.81 -18.01 1.78
C ILE A 82 -4.87 -19.12 2.83
N PRO A 83 -4.92 -18.78 4.14
CA PRO A 83 -4.92 -19.81 5.18
C PRO A 83 -6.22 -20.58 5.26
N ASP A 84 -6.22 -21.64 6.07
CA ASP A 84 -7.39 -22.45 6.33
C ASP A 84 -8.17 -21.83 7.49
N VAL A 85 -8.94 -20.78 7.19
CA VAL A 85 -9.81 -20.16 8.18
C VAL A 85 -11.23 -20.17 7.65
N ASP A 86 -12.19 -19.98 8.57
CA ASP A 86 -13.59 -19.82 8.23
C ASP A 86 -13.82 -18.37 7.82
N PHE A 87 -13.80 -18.12 6.52
CA PHE A 87 -13.92 -16.78 5.98
C PHE A 87 -15.39 -16.36 5.98
N GLY A 88 -15.65 -15.18 6.56
CA GLY A 88 -16.99 -14.64 6.67
C GLY A 88 -16.99 -13.33 7.47
N TYR A 89 -18.13 -12.99 8.07
CA TYR A 89 -18.23 -11.79 8.88
C TYR A 89 -17.68 -12.08 10.27
N ASN A 90 -16.34 -12.06 10.38
CA ASN A 90 -15.64 -12.42 11.60
C ASN A 90 -14.35 -11.62 11.69
N ARG A 91 -13.59 -11.83 12.78
CA ARG A 91 -12.40 -11.03 13.05
C ARG A 91 -11.22 -11.53 12.23
N GLU A 92 -11.19 -12.84 11.93
CA GLU A 92 -10.16 -13.42 11.09
C GLU A 92 -10.12 -12.71 9.73
N THR A 93 -11.30 -12.62 9.11
CA THR A 93 -11.44 -12.04 7.78
C THR A 93 -11.09 -10.55 7.82
N PHE A 94 -11.66 -9.83 8.80
CA PHE A 94 -11.46 -8.40 8.97
C PHE A 94 -9.95 -8.09 9.00
N GLU A 95 -9.21 -8.87 9.79
CA GLU A 95 -7.78 -8.66 9.97
C GLU A 95 -7.03 -9.08 8.72
N PHE A 96 -7.45 -10.20 8.11
CA PHE A 96 -6.75 -10.80 6.99
C PHE A 96 -6.71 -9.87 5.79
N LEU A 97 -7.75 -9.04 5.62
CA LEU A 97 -7.88 -8.22 4.42
C LEU A 97 -7.01 -6.96 4.49
N LYS A 98 -6.51 -6.61 5.68
CA LYS A 98 -5.80 -5.34 5.85
C LYS A 98 -4.41 -5.42 5.22
N GLY A 99 -4.11 -4.48 4.31
CA GLY A 99 -2.79 -4.31 3.76
C GLY A 99 -2.39 -5.45 2.81
N LYS A 100 -3.36 -5.91 2.00
CA LYS A 100 -3.12 -6.95 1.02
C LYS A 100 -3.20 -6.35 -0.38
N ASP A 101 -2.24 -6.72 -1.23
CA ASP A 101 -2.25 -6.29 -2.63
C ASP A 101 -3.37 -7.00 -3.38
N VAL A 102 -3.95 -6.31 -4.38
CA VAL A 102 -5.03 -6.85 -5.18
C VAL A 102 -4.95 -6.26 -6.59
N TYR A 103 -5.68 -6.90 -7.52
CA TYR A 103 -6.02 -6.32 -8.80
C TYR A 103 -7.49 -5.91 -8.77
N ILE A 104 -7.81 -4.74 -9.33
CA ILE A 104 -9.15 -4.18 -9.22
C ILE A 104 -9.61 -3.66 -10.58
N GLN A 105 -10.93 -3.61 -10.74
CA GLN A 105 -11.56 -3.05 -11.94
C GLN A 105 -12.32 -1.79 -11.54
N VAL A 106 -12.12 -0.72 -12.32
CA VAL A 106 -12.74 0.57 -12.04
C VAL A 106 -13.59 0.96 -13.25
N GLU A 107 -14.91 1.05 -13.04
CA GLU A 107 -15.84 1.52 -14.06
C GLU A 107 -16.54 2.78 -13.55
N GLU A 108 -17.24 3.48 -14.45
CA GLU A 108 -17.98 4.67 -14.06
C GLU A 108 -19.39 4.24 -13.63
N GLN A 109 -19.99 5.05 -12.75
CA GLN A 109 -21.24 4.71 -12.09
C GLN A 109 -22.04 5.99 -11.87
N GLU A 110 -23.28 6.00 -12.38
CA GLU A 110 -24.20 7.12 -12.19
C GLU A 110 -24.97 6.91 -10.90
N TYR A 111 -25.17 8.00 -10.14
CA TYR A 111 -26.05 7.99 -8.99
C TYR A 111 -26.51 9.42 -8.71
N LYS A 112 -27.82 9.65 -8.88
CA LYS A 112 -28.49 10.89 -8.54
C LYS A 112 -28.05 12.02 -9.47
N GLY A 113 -27.63 11.68 -10.69
CA GLY A 113 -27.30 12.68 -11.70
C GLY A 113 -25.81 12.70 -12.06
N LYS A 114 -24.96 12.70 -11.03
CA LYS A 114 -23.51 12.80 -11.23
C LYS A 114 -22.91 11.41 -11.41
N VAL A 115 -21.66 11.39 -11.91
CA VAL A 115 -20.95 10.17 -12.25
C VAL A 115 -19.68 10.09 -11.39
N LYS A 116 -19.36 8.87 -10.94
CA LYS A 116 -18.17 8.61 -10.14
C LYS A 116 -17.36 7.49 -10.82
N HIS A 117 -16.17 7.23 -10.28
CA HIS A 117 -15.38 6.07 -10.64
C HIS A 117 -15.48 5.07 -9.49
N ALA A 118 -16.22 3.97 -9.71
CA ALA A 118 -16.45 2.97 -8.69
C ALA A 118 -15.59 1.75 -8.94
N VAL A 119 -15.02 1.19 -7.86
CA VAL A 119 -14.39 -0.12 -7.89
C VAL A 119 -15.51 -1.16 -7.97
N THR A 120 -15.47 -2.00 -9.01
CA THR A 120 -16.57 -2.90 -9.34
C THR A 120 -16.22 -4.36 -9.03
N ASN A 121 -14.97 -4.76 -9.33
CA ASN A 121 -14.59 -6.16 -9.20
C ASN A 121 -13.13 -6.27 -8.77
N PHE A 122 -12.80 -7.44 -8.20
CA PHE A 122 -11.42 -7.83 -7.90
C PHE A 122 -11.02 -8.95 -8.85
N LEU A 123 -9.88 -8.76 -9.53
CA LEU A 123 -9.52 -9.57 -10.68
C LEU A 123 -8.41 -10.54 -10.31
N THR A 124 -8.33 -11.64 -11.07
CA THR A 124 -7.28 -12.63 -10.94
C THR A 124 -6.07 -12.18 -11.77
N GLN A 125 -4.98 -12.95 -11.68
CA GLN A 125 -3.77 -12.68 -12.45
C GLN A 125 -4.11 -12.62 -13.93
N ASP A 126 -4.86 -13.63 -14.40
CA ASP A 126 -5.19 -13.80 -15.81
C ASP A 126 -6.03 -12.63 -16.31
N GLU A 127 -7.03 -12.21 -15.51
CA GLU A 127 -7.98 -11.19 -15.92
C GLU A 127 -7.31 -9.82 -15.96
N PHE A 128 -6.29 -9.62 -15.12
CA PHE A 128 -5.52 -8.39 -15.09
C PHE A 128 -4.61 -8.30 -16.31
N GLU A 129 -3.98 -9.43 -16.66
CA GLU A 129 -3.02 -9.50 -17.75
C GLU A 129 -3.72 -9.32 -19.09
N GLU A 130 -4.96 -9.83 -19.22
CA GLU A 130 -5.78 -9.56 -20.39
C GLU A 130 -5.78 -8.05 -20.65
N SER A 131 -6.22 -7.27 -19.66
CA SER A 131 -6.18 -5.82 -19.73
C SER A 131 -4.76 -5.33 -19.46
N SER B 2 19.08 19.68 -38.52
CA SER B 2 19.02 20.97 -37.77
C SER B 2 20.22 21.06 -36.82
N LYS B 3 20.61 22.31 -36.50
CA LYS B 3 21.71 22.55 -35.58
C LYS B 3 21.28 22.13 -34.18
N TYR B 4 22.27 21.77 -33.34
CA TYR B 4 22.00 21.22 -32.02
C TYR B 4 21.67 22.33 -31.04
N GLU B 5 20.57 22.14 -30.29
CA GLU B 5 20.25 22.90 -29.10
C GLU B 5 19.91 21.92 -27.99
N ARG B 6 20.58 22.06 -26.85
CA ARG B 6 20.41 21.13 -25.74
C ARG B 6 18.98 21.25 -25.21
N PRO B 7 18.23 20.12 -25.10
CA PRO B 7 16.88 20.16 -24.54
C PRO B 7 16.93 20.40 -23.04
N LEU B 8 16.02 21.24 -22.55
CA LEU B 8 15.87 21.55 -21.14
C LEU B 8 15.78 20.25 -20.33
N LYS B 9 16.30 20.26 -19.11
CA LYS B 9 16.20 19.10 -18.24
C LYS B 9 14.72 18.78 -18.01
N ARG B 10 14.34 17.53 -18.29
CA ARG B 10 12.99 17.04 -18.03
C ARG B 10 12.75 16.94 -16.53
N GLU B 11 11.49 16.67 -16.16
CA GLU B 11 11.13 16.34 -14.80
C GLU B 11 11.51 14.90 -14.51
N SER B 12 12.02 14.65 -13.29
CA SER B 12 12.16 13.29 -12.78
C SER B 12 10.77 12.73 -12.47
N GLN B 13 10.31 11.79 -13.30
CA GLN B 13 9.09 11.04 -13.00
C GLN B 13 9.35 10.19 -11.76
N ILE B 14 10.62 9.84 -11.54
CA ILE B 14 11.09 9.29 -10.27
C ILE B 14 11.30 10.45 -9.29
N LYS B 15 10.19 10.93 -8.71
CA LYS B 15 10.23 11.95 -7.67
C LYS B 15 10.72 11.30 -6.38
N GLU B 16 11.84 11.80 -5.85
CA GLU B 16 12.41 11.27 -4.63
C GLU B 16 11.73 11.91 -3.42
N PHE B 17 11.97 11.32 -2.25
CA PHE B 17 11.51 11.85 -0.98
C PHE B 17 12.34 13.07 -0.60
N GLU B 18 11.67 14.09 -0.06
CA GLU B 18 12.35 15.22 0.57
C GLU B 18 12.78 14.79 1.97
N LEU B 19 13.61 15.63 2.62
CA LEU B 19 14.15 15.31 3.93
C LEU B 19 13.06 15.48 4.98
N GLY B 20 13.32 14.93 6.17
CA GLY B 20 12.38 14.96 7.29
C GLY B 20 11.65 13.63 7.44
N THR B 21 10.37 13.72 7.82
CA THR B 21 9.56 12.56 8.17
C THR B 21 8.37 12.45 7.22
N HIS B 22 7.97 11.21 6.90
CA HIS B 22 6.89 10.95 5.97
C HIS B 22 6.11 9.71 6.39
N ALA B 23 4.82 9.68 6.03
CA ALA B 23 4.01 8.48 6.06
C ALA B 23 3.99 7.87 4.67
N ALA B 24 4.10 6.53 4.58
CA ALA B 24 4.20 5.85 3.30
C ALA B 24 3.68 4.42 3.43
N VAL B 25 3.71 3.69 2.30
CA VAL B 25 3.31 2.30 2.26
C VAL B 25 4.46 1.50 1.62
N ILE B 26 4.70 0.28 2.12
CA ILE B 26 5.62 -0.65 1.48
C ILE B 26 4.91 -1.22 0.24
N GLU B 27 5.29 -0.70 -0.93
CA GLU B 27 4.63 -1.02 -2.19
C GLU B 27 5.09 -2.38 -2.72
N LYS B 28 6.39 -2.68 -2.55
CA LYS B 28 6.97 -3.89 -3.10
C LYS B 28 8.08 -4.39 -2.18
N VAL B 29 8.33 -5.70 -2.23
CA VAL B 29 9.45 -6.33 -1.54
C VAL B 29 10.16 -7.23 -2.55
N GLN B 30 11.50 -7.14 -2.59
CA GLN B 30 12.31 -7.91 -3.53
C GLN B 30 13.43 -8.64 -2.80
N LYS B 31 13.60 -9.92 -3.13
CA LYS B 31 14.69 -10.74 -2.60
C LYS B 31 15.99 -10.37 -3.30
N LYS B 32 17.01 -10.04 -2.51
CA LYS B 32 18.34 -9.71 -3.00
C LYS B 32 19.39 -10.36 -2.13
N ARG B 33 20.63 -10.35 -2.62
CA ARG B 33 21.81 -10.74 -1.86
C ARG B 33 22.88 -9.67 -2.03
N SER B 34 23.57 -9.35 -0.93
CA SER B 34 24.62 -8.34 -0.94
C SER B 34 25.88 -8.91 -1.59
N GLN B 35 26.94 -8.09 -1.64
CA GLN B 35 28.20 -8.50 -2.22
C GLN B 35 28.93 -9.44 -1.27
N LYS B 36 28.88 -9.14 0.03
CA LYS B 36 29.41 -10.02 1.06
C LYS B 36 28.76 -11.40 0.95
N GLY B 37 27.44 -11.40 0.78
CA GLY B 37 26.65 -12.62 0.75
C GLY B 37 25.55 -12.65 1.82
N ASN B 38 25.02 -11.47 2.16
CA ASN B 38 23.93 -11.35 3.12
C ASN B 38 22.61 -11.30 2.37
N ASP B 39 21.64 -12.10 2.84
CA ASP B 39 20.29 -12.07 2.29
C ASP B 39 19.65 -10.73 2.64
N MET B 40 18.83 -10.21 1.72
CA MET B 40 18.29 -8.87 1.84
C MET B 40 16.85 -8.82 1.32
N PHE B 41 16.05 -7.98 1.97
CA PHE B 41 14.76 -7.57 1.43
C PHE B 41 14.86 -6.10 1.03
N LEU B 42 14.48 -5.81 -0.22
CA LEU B 42 14.47 -4.45 -0.73
C LEU B 42 13.02 -3.95 -0.74
N LEU B 43 12.75 -2.94 0.10
CA LEU B 43 11.42 -2.41 0.29
C LEU B 43 11.25 -1.15 -0.54
N SER B 44 10.34 -1.19 -1.52
CA SER B 44 9.92 0.01 -2.24
C SER B 44 8.89 0.76 -1.41
N LEU B 45 9.14 2.04 -1.12
CA LEU B 45 8.26 2.83 -0.30
C LEU B 45 7.61 3.94 -1.13
N LEU B 46 6.28 4.04 -1.05
CA LEU B 46 5.51 5.04 -1.76
C LEU B 46 4.91 6.01 -0.74
N GLY B 47 5.38 7.27 -0.79
CA GLY B 47 4.86 8.31 0.10
C GLY B 47 3.48 8.78 -0.36
N LYS B 48 2.87 9.67 0.44
CA LYS B 48 1.51 10.13 0.20
C LYS B 48 1.46 11.07 -1.01
N SER B 49 2.59 11.70 -1.33
CA SER B 49 2.68 12.58 -2.49
C SER B 49 3.49 11.92 -3.61
N ASN B 50 3.38 10.58 -3.71
CA ASN B 50 3.95 9.80 -4.80
C ASN B 50 5.47 9.84 -4.77
N GLU B 51 6.07 10.08 -3.59
CA GLU B 51 7.51 9.99 -3.45
C GLU B 51 7.90 8.51 -3.48
N LYS B 52 9.15 8.23 -3.91
CA LYS B 52 9.59 6.86 -4.07
C LYS B 52 11.02 6.72 -3.54
N GLY B 53 11.15 5.98 -2.44
CA GLY B 53 12.44 5.64 -1.85
C GLY B 53 12.61 4.13 -1.74
N VAL B 54 13.70 3.70 -1.09
CA VAL B 54 13.99 2.29 -0.90
C VAL B 54 14.60 2.08 0.48
N TYR B 55 14.60 0.82 0.91
CA TYR B 55 15.23 0.41 2.15
C TYR B 55 15.74 -1.02 2.01
N PHE B 56 16.94 -1.27 2.54
CA PHE B 56 17.56 -2.58 2.50
C PHE B 56 17.52 -3.20 3.90
N LEU B 57 16.61 -4.16 4.10
CA LEU B 57 16.60 -4.95 5.32
C LEU B 57 17.56 -6.13 5.14
N THR B 58 18.68 -6.06 5.88
CA THR B 58 19.73 -7.06 5.78
C THR B 58 19.57 -8.07 6.91
N PHE B 59 19.69 -9.35 6.55
CA PHE B 59 19.57 -10.45 7.49
C PHE B 59 20.96 -11.00 7.80
N GLY B 60 21.09 -11.66 8.96
CA GLY B 60 22.31 -12.38 9.31
C GLY B 60 23.40 -11.46 9.85
N ASN B 61 23.01 -10.41 10.58
CA ASN B 61 23.98 -9.57 11.28
C ASN B 61 23.35 -9.14 12.61
N ASP B 62 24.08 -8.30 13.36
CA ASP B 62 23.72 -7.95 14.73
C ASP B 62 22.62 -6.90 14.75
N TYR B 63 22.32 -6.29 13.60
CA TYR B 63 21.34 -5.22 13.51
C TYR B 63 20.01 -5.74 12.94
N THR B 64 19.98 -7.01 12.50
CA THR B 64 18.84 -7.56 11.78
C THR B 64 17.60 -7.59 12.68
N GLU B 65 17.75 -8.15 13.88
CA GLU B 65 16.62 -8.47 14.75
C GLU B 65 15.94 -7.18 15.21
N ASP B 66 16.74 -6.14 15.52
CA ASP B 66 16.19 -4.87 15.96
C ASP B 66 15.54 -4.14 14.81
N ASN B 67 16.13 -4.23 13.60
CA ASN B 67 15.62 -3.52 12.44
C ASN B 67 14.21 -4.01 12.10
N LEU B 68 13.97 -5.32 12.25
CA LEU B 68 12.65 -5.89 12.02
C LEU B 68 11.65 -5.38 13.06
N ARG B 69 12.05 -5.33 14.33
CA ARG B 69 11.19 -4.83 15.39
C ARG B 69 10.66 -3.45 15.02
N TYR B 70 11.57 -2.58 14.57
CA TYR B 70 11.26 -1.19 14.26
C TYR B 70 10.27 -1.11 13.10
N ILE B 71 10.47 -1.95 12.08
CA ILE B 71 9.58 -2.01 10.93
C ILE B 71 8.23 -2.54 11.39
N LEU B 72 8.24 -3.62 12.20
CA LEU B 72 7.03 -4.31 12.60
C LEU B 72 6.24 -3.49 13.62
N ALA B 73 6.94 -2.65 14.40
CA ALA B 73 6.28 -1.76 15.33
C ALA B 73 5.54 -0.67 14.58
N SER B 74 6.14 -0.17 13.50
CA SER B 74 5.54 0.89 12.70
C SER B 74 4.30 0.36 11.97
N ILE B 75 4.38 -0.88 11.47
CA ILE B 75 3.26 -1.54 10.83
C ILE B 75 2.13 -1.73 11.84
N GLN B 76 2.49 -2.12 13.06
CA GLN B 76 1.54 -2.37 14.13
C GLN B 76 0.75 -1.09 14.44
N ASP B 77 1.45 0.05 14.47
CA ASP B 77 0.86 1.31 14.89
C ASP B 77 0.00 1.91 13.78
N ASN B 78 0.14 1.43 12.54
CA ASN B 78 -0.74 1.85 11.45
C ASN B 78 -1.94 0.91 11.35
N GLY B 79 -2.18 0.09 12.38
CA GLY B 79 -3.47 -0.57 12.57
C GLY B 79 -3.51 -2.00 12.06
N VAL B 80 -2.33 -2.62 11.86
CA VAL B 80 -2.25 -4.01 11.43
C VAL B 80 -1.71 -4.84 12.59
N GLU B 81 -2.37 -5.96 12.89
CA GLU B 81 -1.91 -6.87 13.92
C GLU B 81 -0.74 -7.70 13.38
N ILE B 82 0.31 -7.81 14.20
CA ILE B 82 1.51 -8.56 13.84
C ILE B 82 1.26 -10.03 14.13
N PRO B 83 1.31 -10.92 13.11
CA PRO B 83 1.05 -12.35 13.32
C PRO B 83 2.14 -13.03 14.14
N ASP B 84 1.84 -14.27 14.56
CA ASP B 84 2.71 -15.06 15.41
C ASP B 84 3.55 -15.97 14.51
N VAL B 85 4.54 -15.36 13.85
CA VAL B 85 5.47 -16.09 13.00
C VAL B 85 6.89 -15.73 13.40
N ASP B 86 7.82 -16.62 13.06
CA ASP B 86 9.24 -16.33 13.13
C ASP B 86 9.60 -15.48 11.91
N PHE B 87 9.96 -14.23 12.16
CA PHE B 87 10.29 -13.29 11.10
C PHE B 87 11.75 -13.48 10.69
N GLY B 88 12.00 -13.40 9.38
CA GLY B 88 13.32 -13.60 8.83
C GLY B 88 13.25 -13.63 7.30
N TYR B 89 14.26 -14.25 6.67
CA TYR B 89 14.30 -14.38 5.23
C TYR B 89 13.42 -15.57 4.82
N ASN B 90 12.10 -15.37 4.86
CA ASN B 90 11.14 -16.45 4.68
C ASN B 90 9.90 -15.91 3.97
N ARG B 91 9.03 -16.85 3.56
CA ARG B 91 7.81 -16.56 2.82
C ARG B 91 6.87 -15.69 3.66
N GLU B 92 6.77 -15.98 4.96
CA GLU B 92 5.78 -15.36 5.80
C GLU B 92 6.12 -13.88 5.99
N THR B 93 7.40 -13.59 6.17
CA THR B 93 7.87 -12.21 6.29
C THR B 93 7.70 -11.49 4.95
N PHE B 94 8.16 -12.12 3.86
CA PHE B 94 8.14 -11.55 2.54
C PHE B 94 6.72 -11.11 2.17
N GLU B 95 5.75 -11.95 2.50
CA GLU B 95 4.35 -11.69 2.16
C GLU B 95 3.76 -10.62 3.07
N PHE B 96 4.14 -10.63 4.35
CA PHE B 96 3.50 -9.76 5.34
C PHE B 96 3.85 -8.29 5.11
N LEU B 97 5.13 -8.00 4.85
CA LEU B 97 5.62 -6.64 4.73
C LEU B 97 4.93 -5.87 3.60
N LYS B 98 4.56 -6.58 2.53
N LYS B 98 4.55 -6.57 2.52
CA LYS B 98 3.93 -5.99 1.36
CA LYS B 98 3.98 -5.93 1.35
C LYS B 98 2.60 -5.33 1.75
C LYS B 98 2.61 -5.36 1.69
N GLY B 99 2.36 -4.14 1.23
CA GLY B 99 1.04 -3.50 1.31
C GLY B 99 0.78 -2.80 2.65
N LYS B 100 1.83 -2.63 3.47
CA LYS B 100 1.65 -2.14 4.83
C LYS B 100 2.07 -0.68 4.95
N ASP B 101 1.23 0.11 5.63
CA ASP B 101 1.50 1.50 5.93
C ASP B 101 2.56 1.57 7.02
N VAL B 102 3.51 2.51 6.87
CA VAL B 102 4.56 2.72 7.84
C VAL B 102 4.74 4.22 8.07
N TYR B 103 5.59 4.55 9.05
CA TYR B 103 6.16 5.87 9.20
C TYR B 103 7.66 5.76 8.99
N ILE B 104 8.24 6.66 8.19
CA ILE B 104 9.67 6.62 7.90
C ILE B 104 10.30 7.97 8.22
N GLN B 105 11.63 7.97 8.30
CA GLN B 105 12.43 9.17 8.50
C GLN B 105 13.54 9.22 7.46
N VAL B 106 13.54 10.29 6.65
CA VAL B 106 14.50 10.47 5.58
C VAL B 106 15.60 11.40 6.07
N GLU B 107 16.84 11.15 5.64
CA GLU B 107 18.00 11.93 6.05
C GLU B 107 18.98 12.03 4.89
N GLU B 108 20.08 12.76 5.11
CA GLU B 108 21.16 12.90 4.16
C GLU B 108 22.17 11.77 4.38
N GLN B 109 22.54 11.08 3.30
CA GLN B 109 23.60 10.09 3.32
C GLN B 109 24.47 10.26 2.09
N GLU B 110 25.57 9.49 2.03
CA GLU B 110 26.60 9.69 1.03
C GLU B 110 26.85 8.37 0.28
N TYR B 111 26.49 8.34 -1.01
CA TYR B 111 26.69 7.18 -1.85
C TYR B 111 27.83 7.44 -2.83
N LYS B 112 28.98 6.80 -2.58
CA LYS B 112 30.21 6.97 -3.35
C LYS B 112 30.76 8.38 -3.19
N GLY B 113 30.38 9.07 -2.11
CA GLY B 113 30.79 10.45 -1.87
C GLY B 113 29.67 11.46 -2.11
N LYS B 114 28.92 11.27 -3.20
CA LYS B 114 27.81 12.15 -3.56
C LYS B 114 26.66 11.94 -2.57
N VAL B 115 26.04 13.06 -2.16
CA VAL B 115 25.01 13.05 -1.14
C VAL B 115 23.67 12.67 -1.79
N LYS B 116 22.83 11.96 -1.02
CA LYS B 116 21.53 11.52 -1.50
C LYS B 116 20.55 11.42 -0.34
N HIS B 117 19.25 11.57 -0.66
CA HIS B 117 18.17 11.38 0.29
C HIS B 117 17.91 9.88 0.47
N ALA B 118 17.88 9.41 1.72
CA ALA B 118 17.82 7.98 2.01
C ALA B 118 16.95 7.72 3.23
N VAL B 119 16.16 6.63 3.17
CA VAL B 119 15.30 6.20 4.25
C VAL B 119 16.17 5.55 5.32
N THR B 120 16.10 6.07 6.55
CA THR B 120 17.04 5.71 7.60
C THR B 120 16.39 4.87 8.68
N ASN B 121 15.20 5.28 9.14
CA ASN B 121 14.56 4.68 10.31
C ASN B 121 13.07 4.52 10.07
N PHE B 122 12.46 3.56 10.78
CA PHE B 122 11.01 3.37 10.75
C PHE B 122 10.43 3.77 12.11
N LEU B 123 9.56 4.78 12.11
CA LEU B 123 9.13 5.43 13.34
C LEU B 123 7.87 4.76 13.87
N THR B 124 7.75 4.72 15.19
CA THR B 124 6.49 4.41 15.87
C THR B 124 5.55 5.60 15.67
N GLN B 125 4.33 5.49 16.20
CA GLN B 125 3.34 6.56 16.06
C GLN B 125 3.81 7.81 16.79
N ASP B 126 4.33 7.64 18.01
CA ASP B 126 4.77 8.75 18.84
C ASP B 126 5.81 9.59 18.11
N GLU B 127 6.84 8.93 17.56
CA GLU B 127 7.97 9.62 16.96
C GLU B 127 7.51 10.44 15.75
N PHE B 128 6.57 9.88 14.98
CA PHE B 128 6.04 10.52 13.79
C PHE B 128 5.46 11.90 14.14
N GLU B 129 4.65 11.94 15.21
CA GLU B 129 3.92 13.14 15.59
C GLU B 129 4.89 14.19 16.13
N GLU B 130 5.93 13.74 16.85
CA GLU B 130 6.97 14.63 17.35
C GLU B 130 7.54 15.46 16.21
N SER B 131 7.71 14.83 15.03
CA SER B 131 8.03 15.58 13.82
C SER B 131 6.73 16.13 13.21
#